data_9J4D
#
_entry.id   9J4D
#
_cell.length_a   1.00
_cell.length_b   1.00
_cell.length_c   1.00
_cell.angle_alpha   90.00
_cell.angle_beta   90.00
_cell.angle_gamma   90.00
#
_symmetry.space_group_name_H-M   'P 1'
#
_entity_poly.entity_id   1
_entity_poly.type   'polypeptide(L)'
_entity_poly.pdbx_seq_one_letter_code
;ASPELSALEEAFRRFAVHGDARATGREMHGKNWSKLCKDCQVIDGRNVTVTDVDIVFSKIKGKSCRTITFEQFQEALEEL
AKKRFKDKSSEEAVREVHRLIEGKAPIISGVTKAISSPTVSRLTDTTKFTG
;
_entity_poly.pdbx_strand_id   F,C,D,E,A,B
#
# COMPACT_ATOMS: atom_id res chain seq x y z
N GLU A 27 -36.10 7.13 -1.72
CA GLU A 27 -35.34 8.25 -2.27
C GLU A 27 -34.07 8.48 -1.46
N MET A 28 -33.13 9.22 -2.02
CA MET A 28 -31.88 9.56 -1.36
C MET A 28 -31.62 11.05 -1.50
N HIS A 29 -31.00 11.63 -0.46
CA HIS A 29 -30.73 13.06 -0.46
C HIS A 29 -29.58 13.35 0.50
N GLY A 30 -28.43 13.76 -0.03
CA GLY A 30 -27.33 14.23 0.77
C GLY A 30 -27.33 15.75 0.87
N LYS A 31 -26.67 16.27 1.90
CA LYS A 31 -26.77 17.70 2.21
C LYS A 31 -25.38 18.29 2.47
N ASN A 32 -24.80 18.87 1.42
CA ASN A 32 -23.69 19.81 1.45
C ASN A 32 -22.32 19.24 1.80
N TRP A 33 -22.25 18.06 2.43
CA TRP A 33 -21.05 17.25 2.39
C TRP A 33 -21.33 15.76 2.52
N SER A 34 -22.59 15.34 2.58
CA SER A 34 -22.94 13.99 3.00
C SER A 34 -22.93 13.04 1.81
N LYS A 35 -22.12 11.99 1.91
CA LYS A 35 -22.01 10.99 0.87
C LYS A 35 -22.80 9.74 1.27
N LEU A 36 -23.63 9.26 0.35
CA LEU A 36 -24.53 8.14 0.65
C LEU A 36 -24.76 7.31 -0.61
N CYS A 37 -25.03 6.03 -0.42
CA CYS A 37 -25.24 5.12 -1.53
C CYS A 37 -26.25 4.06 -1.15
N LYS A 38 -26.66 3.27 -2.14
CA LYS A 38 -27.57 2.16 -1.94
C LYS A 38 -27.16 1.04 -2.88
N ASP A 39 -27.09 -0.18 -2.36
CA ASP A 39 -26.59 -1.33 -3.11
C ASP A 39 -25.18 -1.03 -3.67
N CYS A 40 -24.27 -0.79 -2.74
CA CYS A 40 -22.96 -0.25 -3.08
C CYS A 40 -21.86 -1.05 -2.37
N GLN A 41 -20.63 -0.88 -2.87
CA GLN A 41 -19.44 -1.45 -2.27
C GLN A 41 -18.37 -0.37 -2.31
N VAL A 42 -17.95 0.13 -1.16
CA VAL A 42 -17.07 1.29 -1.07
C VAL A 42 -15.86 0.96 -0.22
N ILE A 43 -14.70 1.48 -0.62
CA ILE A 43 -13.48 1.37 0.17
C ILE A 43 -13.04 2.78 0.56
N ASP A 44 -14.01 3.63 0.86
CA ASP A 44 -13.75 5.02 1.22
C ASP A 44 -12.72 5.14 2.34
N GLY A 45 -11.74 6.01 2.14
CA GLY A 45 -10.72 6.26 3.15
C GLY A 45 -9.63 7.18 2.66
N ARG A 46 -8.95 7.87 3.59
CA ARG A 46 -8.01 8.93 3.22
C ARG A 46 -6.91 8.41 2.29
N ASN A 47 -6.08 7.51 2.79
CA ASN A 47 -5.07 6.86 1.96
C ASN A 47 -5.49 5.42 1.70
N VAL A 48 -5.59 5.05 0.43
CA VAL A 48 -6.07 3.73 0.05
C VAL A 48 -5.21 3.18 -1.07
N THR A 49 -4.56 2.05 -0.84
CA THR A 49 -3.77 1.40 -1.89
C THR A 49 -4.22 -0.05 -2.03
N VAL A 50 -4.30 -0.53 -3.26
CA VAL A 50 -4.55 -1.94 -3.53
C VAL A 50 -3.40 -2.45 -4.39
N THR A 51 -2.93 -3.66 -4.11
CA THR A 51 -1.71 -4.15 -4.72
C THR A 51 -1.87 -5.59 -5.19
N ASP A 52 -1.17 -5.91 -6.28
CA ASP A 52 -1.07 -7.26 -6.85
C ASP A 52 -2.41 -7.78 -7.34
N VAL A 53 -3.41 -6.92 -7.50
CA VAL A 53 -4.77 -7.38 -7.77
C VAL A 53 -4.83 -8.03 -9.15
N ASP A 54 -5.81 -8.93 -9.32
CA ASP A 54 -6.15 -9.49 -10.62
C ASP A 54 -7.28 -8.71 -11.28
N ILE A 55 -8.40 -8.53 -10.59
CA ILE A 55 -9.48 -7.67 -11.07
C ILE A 55 -9.97 -6.83 -9.89
N VAL A 56 -9.91 -5.51 -10.03
CA VAL A 56 -10.38 -4.63 -8.96
C VAL A 56 -11.90 -4.48 -9.01
N PHE A 57 -12.41 -4.03 -10.16
CA PHE A 57 -13.85 -3.85 -10.36
C PHE A 57 -14.36 -4.92 -11.31
N SER A 58 -15.44 -5.60 -10.92
CA SER A 58 -16.04 -6.62 -11.76
C SER A 58 -17.54 -6.56 -11.57
N LYS A 59 -18.29 -6.50 -12.68
CA LYS A 59 -19.73 -6.37 -12.61
C LYS A 59 -20.32 -7.09 -13.83
N ILE A 60 -20.71 -8.35 -13.62
CA ILE A 60 -21.28 -9.19 -14.66
C ILE A 60 -22.79 -9.21 -14.51
N LYS A 61 -23.50 -9.02 -15.61
CA LYS A 61 -24.96 -9.00 -15.58
C LYS A 61 -25.53 -9.48 -16.90
N GLU B 27 -36.64 5.95 3.27
CA GLU B 27 -35.84 7.03 2.70
C GLU B 27 -34.54 7.19 3.47
N MET B 28 -33.59 7.90 2.88
CA MET B 28 -32.31 8.17 3.50
C MET B 28 -31.98 9.66 3.38
N HIS B 29 -31.31 10.19 4.40
CA HIS B 29 -30.97 11.62 4.40
C HIS B 29 -29.78 11.84 5.33
N GLY B 30 -28.63 12.22 4.76
CA GLY B 30 -27.49 12.63 5.53
C GLY B 30 -27.43 14.14 5.65
N LYS B 31 -26.71 14.63 6.66
CA LYS B 31 -26.73 16.05 6.99
C LYS B 31 -25.32 16.59 7.20
N ASN B 32 -24.75 17.14 6.15
CA ASN B 32 -23.59 18.04 6.14
C ASN B 32 -22.24 17.40 6.44
N TRP B 33 -22.20 16.22 7.06
CA TRP B 33 -21.04 15.35 6.97
C TRP B 33 -21.38 13.87 7.10
N SER B 34 -22.66 13.50 7.20
CA SER B 34 -23.04 12.17 7.62
C SER B 34 -23.11 11.23 6.42
N LYS B 35 -22.36 10.14 6.49
CA LYS B 35 -22.32 9.14 5.43
C LYS B 35 -23.15 7.94 5.84
N LEU B 36 -24.03 7.50 4.94
CA LEU B 36 -24.96 6.43 5.26
C LEU B 36 -25.27 5.62 4.01
N CYS B 37 -25.59 4.34 4.20
CA CYS B 37 -25.88 3.46 3.08
C CYS B 37 -26.92 2.43 3.50
N LYS B 38 -27.41 1.68 2.51
CA LYS B 38 -28.35 0.60 2.72
C LYS B 38 -28.02 -0.53 1.76
N ASP B 39 -27.99 -1.75 2.27
CA ASP B 39 -27.55 -2.91 1.49
C ASP B 39 -26.16 -2.67 0.89
N CYS B 40 -25.20 -2.47 1.79
CA CYS B 40 -23.88 -2.00 1.41
C CYS B 40 -22.80 -2.84 2.08
N GLN B 41 -21.59 -2.73 1.54
CA GLN B 41 -20.40 -3.35 2.11
C GLN B 41 -19.29 -2.32 2.03
N VAL B 42 -18.81 -1.85 3.18
CA VAL B 42 -17.89 -0.72 3.25
C VAL B 42 -16.65 -1.12 4.05
N ILE B 43 -15.48 -0.65 3.62
CA ILE B 43 -14.24 -0.82 4.37
C ILE B 43 -13.73 0.57 4.76
N ASP B 44 -14.66 1.45 5.10
CA ASP B 44 -14.31 2.83 5.46
C ASP B 44 -13.25 2.89 6.54
N GLY B 45 -12.23 3.73 6.32
CA GLY B 45 -11.18 3.91 7.29
C GLY B 45 -10.06 4.79 6.79
N ARG B 46 -9.33 5.44 7.70
CA ARG B 46 -8.36 6.47 7.31
C ARG B 46 -7.31 5.92 6.34
N ASN B 47 -6.50 4.96 6.80
CA ASN B 47 -5.55 4.28 5.93
C ASN B 47 -6.05 2.87 5.67
N VAL B 48 -6.19 2.51 4.41
CA VAL B 48 -6.75 1.21 4.04
C VAL B 48 -5.94 0.65 2.88
N THR B 49 -5.34 -0.52 3.07
CA THR B 49 -4.61 -1.20 2.00
C THR B 49 -5.13 -2.62 1.86
N VAL B 50 -5.26 -3.08 0.62
CA VAL B 50 -5.59 -4.48 0.35
C VAL B 50 -4.49 -5.02 -0.55
N THR B 51 -4.07 -6.25 -0.29
CA THR B 51 -2.89 -6.80 -0.94
C THR B 51 -3.12 -8.22 -1.42
N ASP B 52 -2.48 -8.57 -2.54
CA ASP B 52 -2.46 -9.91 -3.12
C ASP B 52 -3.84 -10.36 -3.58
N VAL B 53 -4.80 -9.45 -3.70
CA VAL B 53 -6.18 -9.86 -3.92
C VAL B 53 -6.32 -10.50 -5.31
N ASP B 54 -7.33 -11.35 -5.44
CA ASP B 54 -7.74 -11.88 -6.74
C ASP B 54 -8.86 -11.05 -7.36
N ILE B 55 -9.95 -10.82 -6.63
CA ILE B 55 -11.00 -9.90 -7.06
C ILE B 55 -11.41 -9.07 -5.87
N VAL B 56 -11.32 -7.74 -6.00
CA VAL B 56 -11.71 -6.85 -4.90
C VAL B 56 -13.22 -6.63 -4.91
N PHE B 57 -13.75 -6.15 -6.03
CA PHE B 57 -15.18 -5.91 -6.18
C PHE B 57 -15.77 -6.95 -7.13
N SER B 58 -16.85 -7.59 -6.71
CA SER B 58 -17.53 -8.57 -7.54
C SER B 58 -19.03 -8.45 -7.29
N LYS B 59 -19.80 -8.34 -8.38
CA LYS B 59 -21.24 -8.14 -8.27
C LYS B 59 -21.90 -8.83 -9.47
N ILE B 60 -22.33 -10.07 -9.25
CA ILE B 60 -22.97 -10.87 -10.29
C ILE B 60 -24.47 -10.83 -10.08
N LYS B 61 -25.22 -10.60 -11.17
CA LYS B 61 -26.66 -10.53 -11.09
C LYS B 61 -27.31 -10.97 -12.39
N GLU C 27 -35.46 8.34 -6.63
CA GLU C 27 -34.73 9.48 -7.17
C GLU C 27 -33.50 9.76 -6.33
N MET C 28 -32.56 10.54 -6.87
CA MET C 28 -31.36 10.93 -6.18
C MET C 28 -31.15 12.43 -6.32
N HIS C 29 -30.58 13.04 -5.28
CA HIS C 29 -30.37 14.50 -5.29
C HIS C 29 -29.27 14.83 -4.29
N GLY C 30 -28.12 15.29 -4.80
CA GLY C 30 -27.06 15.82 -3.98
C GLY C 30 -27.15 17.33 -3.88
N LYS C 31 -26.53 17.89 -2.84
CA LYS C 31 -26.69 19.32 -2.55
C LYS C 31 -25.34 19.97 -2.26
N ASN C 32 -24.76 20.55 -3.29
CA ASN C 32 -23.68 21.55 -3.24
C ASN C 32 -22.31 21.04 -2.85
N TRP C 33 -22.21 19.87 -2.21
CA TRP C 33 -20.97 19.11 -2.21
C TRP C 33 -21.19 17.61 -2.07
N SER C 34 -22.43 17.13 -2.04
CA SER C 34 -22.74 15.77 -1.61
C SER C 34 -22.65 14.82 -2.79
N LYS C 35 -21.81 13.80 -2.66
CA LYS C 35 -21.63 12.80 -3.69
C LYS C 35 -22.36 11.53 -3.31
N LEU C 36 -23.16 11.00 -4.24
CA LEU C 36 -24.01 9.84 -3.96
C LEU C 36 -24.17 9.00 -5.21
N CYS C 37 -24.39 7.71 -5.01
CA CYS C 37 -24.53 6.78 -6.12
C CYS C 37 -25.52 5.68 -5.75
N LYS C 38 -25.86 4.88 -6.75
CA LYS C 38 -26.73 3.72 -6.57
C LYS C 38 -26.25 2.61 -7.49
N ASP C 39 -26.14 1.40 -6.96
CA ASP C 39 -25.56 0.26 -7.67
C ASP C 39 -24.16 0.62 -8.20
N CYS C 40 -23.27 0.90 -7.25
CA CYS C 40 -21.98 1.49 -7.55
C CYS C 40 -20.87 0.76 -6.81
N GLN C 41 -19.65 0.96 -7.28
CA GLN C 41 -18.45 0.45 -6.62
C GLN C 41 -17.42 1.57 -6.66
N VAL C 42 -17.05 2.11 -5.49
CA VAL C 42 -16.23 3.30 -5.39
C VAL C 42 -15.03 3.03 -4.51
N ILE C 43 -13.88 3.59 -4.88
CA ILE C 43 -12.67 3.54 -4.06
C ILE C 43 -12.30 4.97 -3.67
N ASP C 44 -13.32 5.79 -3.40
CA ASP C 44 -13.13 7.19 -3.05
C ASP C 44 -12.13 7.36 -1.90
N GLY C 45 -11.20 8.28 -2.09
CA GLY C 45 -10.22 8.57 -1.06
C GLY C 45 -9.14 9.53 -1.51
N ARG C 46 -8.52 10.25 -0.57
CA ARG C 46 -7.62 11.35 -0.93
C ARG C 46 -6.48 10.88 -1.81
N ASN C 47 -5.62 10.01 -1.30
CA ASN C 47 -4.56 9.40 -2.08
C ASN C 47 -4.92 7.94 -2.33
N VAL C 48 -4.96 7.55 -3.61
CA VAL C 48 -5.38 6.21 -3.98
C VAL C 48 -4.46 5.70 -5.08
N THR C 49 -3.77 4.58 -4.83
CA THR C 49 -2.92 3.96 -5.84
C THR C 49 -3.31 2.50 -5.98
N VAL C 50 -3.33 2.01 -7.21
CA VAL C 50 -3.51 0.58 -7.47
C VAL C 50 -2.32 0.11 -8.29
N THR C 51 -1.82 -1.08 -7.99
CA THR C 51 -0.55 -1.52 -8.56
C THR C 51 -0.64 -2.96 -9.02
N ASP C 52 0.10 -3.27 -10.09
CA ASP C 52 0.27 -4.62 -10.64
C ASP C 52 -1.03 -5.19 -11.17
N VAL C 53 -2.06 -4.38 -11.36
CA VAL C 53 -3.39 -4.90 -11.67
C VAL C 53 -3.38 -5.57 -13.04
N ASP C 54 -4.31 -6.51 -13.21
CA ASP C 54 -4.60 -7.09 -14.53
C ASP C 54 -5.74 -6.37 -15.23
N ILE C 55 -6.88 -6.23 -14.56
CA ILE C 55 -7.99 -5.42 -15.08
C ILE C 55 -8.54 -4.59 -13.93
N VAL C 56 -8.54 -3.26 -14.08
CA VAL C 56 -9.08 -2.40 -13.03
C VAL C 56 -10.60 -2.30 -13.14
N PHE C 57 -11.10 -1.89 -14.29
CA PHE C 57 -12.53 -1.78 -14.54
C PHE C 57 -12.96 -2.88 -15.49
N SER C 58 -14.02 -3.59 -15.13
CA SER C 58 -14.56 -4.65 -15.97
C SER C 58 -16.07 -4.65 -15.83
N LYS C 59 -16.78 -4.63 -16.95
CA LYS C 59 -18.24 -4.56 -16.94
C LYS C 59 -18.76 -5.33 -18.15
N ILE C 60 -19.10 -6.60 -17.95
CA ILE C 60 -19.60 -7.46 -19.00
C ILE C 60 -21.12 -7.54 -18.89
N LYS C 61 -21.81 -7.40 -20.01
CA LYS C 61 -23.26 -7.44 -20.03
C LYS C 61 -23.77 -7.96 -21.35
N GLU D 27 35.23 -9.94 4.66
CA GLU D 27 34.89 -9.63 3.28
C GLU D 27 33.50 -10.15 2.95
N MET D 28 32.92 -9.66 1.86
CA MET D 28 31.62 -10.09 1.39
C MET D 28 31.69 -10.39 -0.10
N HIS D 29 30.90 -11.40 -0.53
CA HIS D 29 30.91 -11.80 -1.93
C HIS D 29 29.61 -12.52 -2.24
N GLY D 30 28.76 -11.91 -3.07
CA GLY D 30 27.58 -12.55 -3.59
C GLY D 30 27.84 -13.13 -4.96
N LYS D 31 27.00 -14.09 -5.36
CA LYS D 31 27.25 -14.88 -6.57
C LYS D 31 25.99 -14.98 -7.42
N ASN D 32 25.86 -14.07 -8.38
CA ASN D 32 24.99 -14.16 -9.54
C ASN D 32 23.50 -13.98 -9.28
N TRP D 33 23.03 -14.16 -8.04
CA TRP D 33 21.76 -13.57 -7.62
C TRP D 33 21.72 -13.28 -6.13
N SER D 34 22.80 -13.48 -5.39
CA SER D 34 22.75 -13.51 -3.93
C SER D 34 22.93 -12.11 -3.37
N LYS D 35 21.96 -11.67 -2.58
CA LYS D 35 21.98 -10.36 -1.96
C LYS D 35 22.36 -10.50 -0.50
N LEU D 36 23.33 -9.69 -0.06
CA LEU D 36 23.87 -9.80 1.28
C LEU D 36 24.31 -8.44 1.78
N CYS D 37 24.28 -8.26 3.10
CA CYS D 37 24.64 -6.98 3.71
C CYS D 37 25.28 -7.22 5.06
N LYS D 38 25.82 -6.15 5.63
CA LYS D 38 26.41 -6.17 6.97
C LYS D 38 26.10 -4.85 7.64
N ASP D 39 25.64 -4.91 8.89
CA ASP D 39 25.19 -3.73 9.62
C ASP D 39 24.10 -3.00 8.83
N CYS D 40 23.00 -3.72 8.60
CA CYS D 40 21.97 -3.28 7.67
C CYS D 40 20.60 -3.43 8.30
N GLN D 41 19.63 -2.74 7.70
CA GLN D 41 18.22 -2.85 8.06
C GLN D 41 17.43 -2.91 6.76
N VAL D 42 16.79 -4.03 6.50
CA VAL D 42 16.15 -4.30 5.21
C VAL D 42 14.70 -4.69 5.42
N ILE D 43 13.83 -4.23 4.53
CA ILE D 43 12.43 -4.64 4.51
C ILE D 43 12.15 -5.36 3.19
N ASP D 44 13.13 -6.14 2.74
CA ASP D 44 13.03 -6.85 1.48
C ASP D 44 11.75 -7.68 1.39
N GLY D 45 11.06 -7.57 0.26
CA GLY D 45 9.85 -8.33 0.04
C GLY D 45 9.14 -7.95 -1.24
N ARG D 46 8.35 -8.86 -1.80
CA ARG D 46 7.78 -8.66 -3.14
C ARG D 46 6.93 -7.39 -3.19
N ASN D 47 5.84 -7.36 -2.44
CA ASN D 47 5.01 -6.16 -2.33
C ASN D 47 5.23 -5.55 -0.96
N VAL D 48 5.63 -4.28 -0.91
CA VAL D 48 5.95 -3.62 0.35
C VAL D 48 5.38 -2.21 0.32
N THR D 49 4.49 -1.90 1.25
CA THR D 49 3.95 -0.56 1.38
C THR D 49 4.13 -0.05 2.80
N VAL D 50 4.49 1.22 2.94
CA VAL D 50 4.55 1.87 4.24
C VAL D 50 3.64 3.08 4.18
N THR D 51 2.90 3.33 5.25
CA THR D 51 1.84 4.33 5.22
C THR D 51 1.87 5.19 6.48
N ASP D 52 1.48 6.45 6.31
CA ASP D 52 1.32 7.44 7.37
C ASP D 52 2.62 7.76 8.09
N VAL D 53 3.76 7.39 7.50
CA VAL D 53 5.02 7.48 8.23
C VAL D 53 5.37 8.94 8.49
N ASP D 54 6.17 9.17 9.54
CA ASP D 54 6.78 10.47 9.80
C ASP D 54 8.18 10.56 9.20
N ILE D 55 9.05 9.61 9.51
CA ILE D 55 10.36 9.52 8.87
C ILE D 55 10.63 8.06 8.54
N VAL D 56 10.87 7.77 7.26
CA VAL D 56 11.15 6.40 6.85
C VAL D 56 12.61 6.05 7.10
N PHE D 57 13.51 6.84 6.51
CA PHE D 57 14.95 6.64 6.68
C PHE D 57 15.51 7.74 7.55
N SER D 58 16.28 7.36 8.57
CA SER D 58 16.91 8.33 9.45
C SER D 58 18.27 7.79 9.85
N LYS D 59 19.31 8.62 9.69
CA LYS D 59 20.68 8.19 9.97
C LYS D 59 21.45 9.40 10.49
N ILE D 60 21.53 9.53 11.81
CA ILE D 60 22.22 10.64 12.46
C ILE D 60 23.59 10.16 12.91
N LYS D 61 24.62 10.95 12.63
CA LYS D 61 25.97 10.58 13.02
C LYS D 61 26.82 11.82 13.27
N GLU E 27 34.04 -14.26 7.22
CA GLU E 27 33.67 -13.91 5.86
C GLU E 27 32.24 -14.37 5.56
N MET E 28 31.66 -13.84 4.50
CA MET E 28 30.32 -14.21 4.07
C MET E 28 30.32 -14.50 2.57
N HIS E 29 29.49 -15.46 2.17
CA HIS E 29 29.43 -15.85 0.76
C HIS E 29 28.09 -16.51 0.49
N GLY E 30 27.25 -15.84 -0.32
CA GLY E 30 26.02 -16.43 -0.81
C GLY E 30 26.21 -17.01 -2.19
N LYS E 31 25.31 -17.93 -2.56
CA LYS E 31 25.50 -18.71 -3.79
C LYS E 31 24.20 -18.75 -4.60
N ASN E 32 24.09 -17.83 -5.55
CA ASN E 32 23.17 -17.87 -6.69
C ASN E 32 21.70 -17.63 -6.38
N TRP E 33 21.27 -17.79 -5.12
CA TRP E 33 20.04 -17.16 -4.66
C TRP E 33 20.05 -16.87 -3.16
N SER E 34 21.15 -17.14 -2.46
CA SER E 34 21.14 -17.17 -1.00
C SER E 34 21.39 -15.79 -0.44
N LYS E 35 20.47 -15.31 0.40
CA LYS E 35 20.57 -14.01 1.03
C LYS E 35 21.00 -14.18 2.48
N LEU E 36 22.01 -13.43 2.88
CA LEU E 36 22.59 -13.58 4.21
C LEU E 36 23.10 -12.24 4.71
N CYS E 37 23.12 -12.07 6.02
CA CYS E 37 23.56 -10.82 6.63
C CYS E 37 24.23 -11.10 7.97
N LYS E 38 24.83 -10.06 8.53
CA LYS E 38 25.46 -10.13 9.84
C LYS E 38 25.23 -8.80 10.54
N ASP E 39 24.83 -8.85 11.80
CA ASP E 39 24.43 -7.66 12.56
C ASP E 39 23.35 -6.88 11.82
N CYS E 40 22.22 -7.54 11.62
CA CYS E 40 21.19 -7.05 10.72
C CYS E 40 19.83 -7.15 11.39
N GLN E 41 18.86 -6.41 10.83
CA GLN E 41 17.47 -6.46 11.23
C GLN E 41 16.64 -6.47 9.96
N VAL E 42 15.93 -7.57 9.71
CA VAL E 42 15.25 -7.78 8.44
C VAL E 42 13.79 -8.12 8.69
N ILE E 43 12.91 -7.60 7.83
CA ILE E 43 11.49 -7.95 7.86
C ILE E 43 11.15 -8.65 6.54
N ASP E 44 12.07 -9.46 6.04
CA ASP E 44 11.91 -10.16 4.78
C ASP E 44 10.59 -10.93 4.73
N GLY E 45 9.87 -10.77 3.62
CA GLY E 45 8.62 -11.48 3.43
C GLY E 45 7.88 -11.05 2.18
N ARG E 46 7.03 -11.93 1.63
CA ARG E 46 6.44 -11.68 0.32
C ARG E 46 5.64 -10.38 0.30
N ASN E 47 4.57 -10.30 1.09
CA ASN E 47 3.81 -9.07 1.24
C ASN E 47 4.10 -8.49 2.61
N VAL E 48 4.54 -7.24 2.65
CA VAL E 48 4.94 -6.61 3.90
C VAL E 48 4.43 -5.17 3.91
N THR E 49 3.59 -4.83 4.88
CA THR E 49 3.11 -3.47 5.03
C THR E 49 3.36 -2.99 6.44
N VAL E 50 3.78 -1.73 6.59
CA VAL E 50 3.91 -1.11 7.90
C VAL E 50 3.05 0.15 7.87
N THR E 51 2.35 0.41 8.98
CA THR E 51 1.34 1.45 8.98
C THR E 51 1.44 2.30 10.24
N ASP E 52 1.12 3.59 10.10
CA ASP E 52 1.02 4.57 11.19
C ASP E 52 2.36 4.82 11.86
N VAL E 53 3.47 4.41 11.24
CA VAL E 53 4.76 4.44 11.92
C VAL E 53 5.18 5.88 12.19
N ASP E 54 6.01 6.06 13.21
CA ASP E 54 6.68 7.32 13.46
C ASP E 54 8.07 7.37 12.82
N ILE E 55 8.92 6.37 13.09
CA ILE E 55 10.20 6.24 12.41
C ILE E 55 10.38 4.77 12.05
N VAL E 56 10.57 4.48 10.77
CA VAL E 56 10.77 3.10 10.34
C VAL E 56 12.22 2.69 10.53
N PHE E 57 13.15 3.44 9.93
CA PHE E 57 14.58 3.17 10.04
C PHE E 57 15.22 4.24 10.91
N SER E 58 16.00 3.82 11.90
CA SER E 58 16.71 4.75 12.76
C SER E 58 18.05 4.15 13.12
N LYS E 59 19.11 4.93 12.95
CA LYS E 59 20.47 4.44 13.18
C LYS E 59 21.32 5.61 13.67
N ILE E 60 21.43 5.73 14.98
CA ILE E 60 22.19 6.79 15.63
C ILE E 60 23.55 6.25 16.04
N LYS E 61 24.61 6.99 15.73
CA LYS E 61 25.96 6.56 16.06
C LYS E 61 26.86 7.76 16.29
N GLU F 27 36.32 -5.68 2.08
CA GLU F 27 36.00 -5.38 0.69
C GLU F 27 34.64 -5.97 0.31
N MET F 28 34.09 -5.51 -0.79
CA MET F 28 32.81 -6.00 -1.30
C MET F 28 32.94 -6.32 -2.78
N HIS F 29 32.21 -7.34 -3.22
CA HIS F 29 32.27 -7.77 -4.62
C HIS F 29 31.01 -8.53 -4.96
N GLY F 30 30.18 -7.96 -5.83
CA GLY F 30 29.04 -8.65 -6.38
C GLY F 30 29.35 -9.24 -7.74
N LYS F 31 28.57 -10.24 -8.15
CA LYS F 31 28.90 -11.02 -9.35
C LYS F 31 27.66 -11.18 -10.23
N ASN F 32 27.53 -10.29 -11.21
CA ASN F 32 26.70 -10.42 -12.40
C ASN F 32 25.19 -10.30 -12.18
N TRP F 33 24.70 -10.48 -10.96
CA TRP F 33 23.39 -9.95 -10.57
C TRP F 33 23.29 -9.65 -9.09
N SER F 34 24.35 -9.80 -8.31
CA SER F 34 24.26 -9.82 -6.86
C SER F 34 24.36 -8.40 -6.31
N LYS F 35 23.35 -7.99 -5.56
CA LYS F 35 23.30 -6.68 -4.94
C LYS F 35 23.65 -6.79 -3.47
N LEU F 36 24.56 -5.94 -3.01
CA LEU F 36 25.07 -6.02 -1.65
C LEU F 36 25.43 -4.63 -1.15
N CYS F 37 25.35 -4.44 0.16
CA CYS F 37 25.64 -3.15 0.76
C CYS F 37 26.25 -3.36 2.14
N LYS F 38 26.74 -2.25 2.72
CA LYS F 38 27.28 -2.25 4.07
C LYS F 38 26.89 -0.93 4.73
N ASP F 39 26.41 -1.00 5.96
CA ASP F 39 25.87 0.17 6.67
C ASP F 39 24.79 0.84 5.84
N CYS F 40 23.72 0.09 5.58
CA CYS F 40 22.71 0.47 4.61
C CYS F 40 21.32 0.28 5.20
N GLN F 41 20.35 0.92 4.56
CA GLN F 41 18.93 0.76 4.88
C GLN F 41 18.19 0.66 3.56
N VAL F 42 17.60 -0.50 3.29
CA VAL F 42 17.02 -0.80 1.98
C VAL F 42 15.58 -1.24 2.16
N ILE F 43 14.71 -0.82 1.23
CA ILE F 43 13.33 -1.29 1.17
C ILE F 43 13.13 -2.03 -0.14
N ASP F 44 14.15 -2.77 -0.56
CA ASP F 44 14.12 -3.51 -1.82
C ASP F 44 12.88 -4.38 -1.94
N GLY F 45 12.21 -4.30 -3.09
CA GLY F 45 11.05 -5.12 -3.35
C GLY F 45 10.35 -4.78 -4.65
N ARG F 46 9.63 -5.73 -5.23
CA ARG F 46 9.10 -5.55 -6.58
C ARG F 46 8.20 -4.33 -6.68
N ASN F 47 7.07 -4.32 -5.97
CA ASN F 47 6.21 -3.16 -5.89
C ASN F 47 6.35 -2.54 -4.51
N VAL F 48 6.70 -1.24 -4.47
CA VAL F 48 6.95 -0.56 -3.21
C VAL F 48 6.33 0.82 -3.27
N THR F 49 5.40 1.11 -2.35
CA THR F 49 4.80 2.42 -2.27
C THR F 49 4.93 2.95 -0.85
N VAL F 50 5.23 4.24 -0.71
CA VAL F 50 5.22 4.90 0.59
C VAL F 50 4.26 6.07 0.49
N THR F 51 3.48 6.30 1.54
CA THR F 51 2.38 7.25 1.46
C THR F 51 2.33 8.13 2.71
N ASP F 52 1.91 9.37 2.51
CA ASP F 52 1.66 10.35 3.57
C ASP F 52 2.93 10.74 4.32
N VAL F 53 4.11 10.41 3.77
CA VAL F 53 5.34 10.56 4.54
C VAL F 53 5.62 12.04 4.79
N ASP F 54 6.39 12.30 5.86
CA ASP F 54 6.92 13.62 6.13
C ASP F 54 8.34 13.77 5.58
N ILE F 55 9.25 12.85 5.92
CA ILE F 55 10.58 12.81 5.33
C ILE F 55 10.91 11.36 5.01
N VAL F 56 11.20 11.07 3.74
CA VAL F 56 11.54 9.71 3.35
C VAL F 56 13.01 9.42 3.64
N PHE F 57 13.90 10.24 3.09
CA PHE F 57 15.34 10.10 3.30
C PHE F 57 15.83 11.23 4.19
N SER F 58 16.58 10.89 5.22
CA SER F 58 17.15 11.89 6.13
C SER F 58 18.51 11.40 6.56
N LYS F 59 19.52 12.27 6.44
CA LYS F 59 20.90 11.90 6.76
C LYS F 59 21.60 13.15 7.28
N ILE F 60 21.62 13.30 8.60
CA ILE F 60 22.25 14.43 9.27
C ILE F 60 23.63 14.01 9.77
N LYS F 61 24.63 14.83 9.52
CA LYS F 61 25.98 14.53 9.94
C LYS F 61 26.78 15.80 10.21
#